data_7NR7
#
_entry.id   7NR7
#
_cell.length_a   83.015
_cell.length_b   112.864
_cell.length_c   62.646
_cell.angle_alpha   90.000
_cell.angle_beta   90.000
_cell.angle_gamma   90.000
#
_symmetry.space_group_name_H-M   'C 2 2 21'
#
loop_
_entity.id
_entity.type
_entity.pdbx_description
1 polymer '14-3-3 protein sigma'
2 polymer 'Transcription factor p65'
3 non-polymer 4-(2-chloranyl-5-methoxy-benzimidazol-1-yl)benzaldehyde
4 non-polymer 4-(2-chloranyl-6-methoxy-benzimidazol-1-yl)benzaldehyde
5 non-polymer DI(HYDROXYETHYL)ETHER
6 non-polymer 'CHLORIDE ION'
7 non-polymer GLYCEROL
8 water water
#
loop_
_entity_poly.entity_id
_entity_poly.type
_entity_poly.pdbx_seq_one_letter_code
_entity_poly.pdbx_strand_id
1 'polypeptide(L)'
;GAMGSMERASLIQKAKLAEQAERYEDMAAFMKGAVEKGEELS(CSO)EERNLLSVAYKNVVGGQRAAWRVLSSIEQKSNE
EGSEEKGPEVREYREKVETELQGVCDTVLGLLDSHLIKEAGDAESRVFYLKMKGDYYRYLAEVATGDDKKRIIDSARSAY
QEAMDISKKEMPPTNPIRLGLALNFSVFHYEIANSPEEAISLAKTTFDEAMADLHTLSEDSYKDSTLIMQLLRDNLTLWT
ADNAGEEGGEAPQEPQS
;
A
2 'polypeptide(L)' EGRSAG(SEP)IPGRRS P
#
# COMPACT_ATOMS: atom_id res chain seq x y z
N ALA A 2 10.99 14.04 -15.85
CA ALA A 2 11.70 13.21 -16.82
C ALA A 2 10.77 12.83 -17.97
N MET A 3 9.48 12.69 -17.66
CA MET A 3 8.50 12.29 -18.65
C MET A 3 7.70 13.48 -19.18
N GLY A 4 8.22 14.70 -18.98
CA GLY A 4 7.47 15.90 -19.31
C GLY A 4 7.13 16.05 -20.79
N SER A 5 7.92 15.45 -21.68
CA SER A 5 7.64 15.59 -23.10
C SER A 5 6.72 14.51 -23.65
N MET A 6 6.31 13.53 -22.84
CA MET A 6 5.45 12.48 -23.34
C MET A 6 3.99 12.77 -22.98
N GLU A 7 3.08 12.49 -23.91
CA GLU A 7 1.66 12.68 -23.67
C GLU A 7 1.17 11.85 -22.49
N ARG A 8 0.23 12.42 -21.73
CA ARG A 8 -0.40 11.67 -20.64
C ARG A 8 -0.93 10.32 -21.12
N ALA A 9 -1.65 10.31 -22.24
CA ALA A 9 -2.24 9.06 -22.69
C ALA A 9 -1.18 8.05 -23.07
N SER A 10 -0.04 8.52 -23.60
CA SER A 10 1.05 7.61 -23.96
C SER A 10 1.72 7.03 -22.72
N LEU A 11 1.85 7.85 -21.67
CA LEU A 11 2.41 7.34 -20.42
C LEU A 11 1.53 6.26 -19.83
N ILE A 12 0.21 6.47 -19.87
N ILE A 12 0.21 6.44 -19.88
CA ILE A 12 -0.72 5.46 -19.37
CA ILE A 12 -0.68 5.42 -19.35
C ILE A 12 -0.61 4.18 -20.18
C ILE A 12 -0.63 4.15 -20.19
N GLN A 13 -0.61 4.30 -21.51
CA GLN A 13 -0.47 3.13 -22.38
C GLN A 13 0.83 2.38 -22.11
N LYS A 14 1.94 3.11 -21.96
CA LYS A 14 3.22 2.47 -21.66
C LYS A 14 3.22 1.84 -20.28
N ALA A 15 2.51 2.43 -19.30
CA ALA A 15 2.43 1.78 -17.99
C ALA A 15 1.75 0.42 -18.11
N LYS A 16 0.70 0.33 -18.95
CA LYS A 16 0.04 -0.95 -19.12
C LYS A 16 0.94 -1.96 -19.82
N LEU A 17 1.71 -1.51 -20.81
CA LEU A 17 2.65 -2.40 -21.48
C LEU A 17 3.73 -2.86 -20.51
N ALA A 18 4.25 -1.93 -19.69
CA ALA A 18 5.28 -2.30 -18.73
C ALA A 18 4.76 -3.34 -17.74
N GLU A 19 3.50 -3.21 -17.31
CA GLU A 19 2.94 -4.25 -16.46
C GLU A 19 2.95 -5.61 -17.15
N GLN A 20 2.54 -5.65 -18.42
CA GLN A 20 2.53 -6.91 -19.15
C GLN A 20 3.93 -7.50 -19.26
N ALA A 21 4.94 -6.65 -19.42
CA ALA A 21 6.32 -7.06 -19.56
C ALA A 21 7.01 -7.27 -18.22
N GLU A 22 6.28 -7.13 -17.11
CA GLU A 22 6.82 -7.23 -15.75
C GLU A 22 8.00 -6.29 -15.53
N ARG A 23 7.89 -5.09 -16.09
CA ARG A 23 8.87 -4.03 -15.97
C ARG A 23 8.32 -2.97 -15.01
N TYR A 24 8.38 -3.28 -13.71
CA TYR A 24 7.67 -2.46 -12.73
C TYR A 24 8.34 -1.13 -12.43
N GLU A 25 9.66 -1.07 -12.47
N GLU A 25 9.66 -1.07 -12.46
CA GLU A 25 10.32 0.23 -12.33
CA GLU A 25 10.34 0.22 -12.34
C GLU A 25 9.92 1.17 -13.46
C GLU A 25 9.91 1.15 -13.46
N ASP A 26 9.90 0.66 -14.70
CA ASP A 26 9.40 1.46 -15.83
C ASP A 26 7.96 1.87 -15.59
N MET A 27 7.14 0.91 -15.15
CA MET A 27 5.73 1.17 -14.91
C MET A 27 5.57 2.31 -13.92
N ALA A 28 6.34 2.28 -12.83
CA ALA A 28 6.25 3.33 -11.83
C ALA A 28 6.70 4.67 -12.38
N ALA A 29 7.77 4.69 -13.20
CA ALA A 29 8.22 5.94 -13.79
C ALA A 29 7.16 6.52 -14.75
N PHE A 30 6.53 5.67 -15.56
CA PHE A 30 5.45 6.15 -16.43
C PHE A 30 4.30 6.71 -15.61
N MET A 31 3.93 6.03 -14.53
CA MET A 31 2.79 6.52 -13.76
C MET A 31 3.14 7.79 -12.98
N LYS A 32 4.37 7.92 -12.49
CA LYS A 32 4.81 9.18 -11.89
C LYS A 32 4.69 10.32 -12.89
N GLY A 33 5.14 10.09 -14.13
CA GLY A 33 4.97 11.10 -15.17
C GLY A 33 3.52 11.43 -15.41
N ALA A 34 2.65 10.41 -15.41
CA ALA A 34 1.22 10.68 -15.61
C ALA A 34 0.65 11.52 -14.46
N VAL A 35 0.99 11.19 -13.21
CA VAL A 35 0.51 12.00 -12.10
C VAL A 35 0.98 13.44 -12.25
N GLU A 36 2.24 13.63 -12.63
CA GLU A 36 2.81 14.97 -12.70
C GLU A 36 2.23 15.81 -13.83
N LYS A 37 1.41 15.23 -14.70
CA LYS A 37 0.65 16.06 -15.63
C LYS A 37 -0.36 16.96 -14.94
N GLY A 38 -0.74 16.62 -13.71
CA GLY A 38 -1.56 17.51 -12.90
C GLY A 38 -3.04 17.20 -12.90
N GLU A 39 -3.50 16.31 -13.78
CA GLU A 39 -4.91 15.92 -13.80
C GLU A 39 -5.18 14.82 -12.78
N GLU A 40 -6.42 14.77 -12.29
CA GLU A 40 -6.83 13.68 -11.43
C GLU A 40 -6.75 12.35 -12.17
N LEU A 41 -6.71 11.26 -11.40
CA LEU A 41 -6.59 9.92 -11.96
C LEU A 41 -7.93 9.20 -11.89
N SER A 42 -8.29 8.51 -12.96
CA SER A 42 -9.44 7.62 -12.94
C SER A 42 -9.19 6.40 -12.04
N GLU A 44 -9.07 3.19 -12.87
CA GLU A 44 -8.08 2.31 -13.48
C GLU A 44 -6.65 2.88 -13.36
N GLU A 45 -6.53 4.20 -13.54
CA GLU A 45 -5.22 4.85 -13.43
C GLU A 45 -4.68 4.80 -12.00
N ARG A 46 -5.57 4.96 -11.01
CA ARG A 46 -5.13 4.80 -9.62
C ARG A 46 -4.61 3.39 -9.39
N ASN A 47 -5.29 2.38 -9.93
CA ASN A 47 -4.80 1.01 -9.80
C ASN A 47 -3.43 0.85 -10.44
N LEU A 48 -3.20 1.43 -11.63
CA LEU A 48 -1.90 1.32 -12.26
C LEU A 48 -0.81 1.94 -11.38
N LEU A 49 -1.07 3.11 -10.83
CA LEU A 49 -0.11 3.77 -9.95
C LEU A 49 0.22 2.88 -8.75
N SER A 50 -0.81 2.34 -8.11
CA SER A 50 -0.60 1.52 -6.93
C SER A 50 0.12 0.22 -7.25
N VAL A 51 -0.28 -0.46 -8.33
CA VAL A 51 0.37 -1.72 -8.68
C VAL A 51 1.84 -1.49 -8.98
N ALA A 52 2.17 -0.42 -9.70
CA ALA A 52 3.55 -0.16 -10.07
C ALA A 52 4.42 -0.03 -8.83
N TYR A 53 4.05 0.88 -7.94
CA TYR A 53 4.87 1.15 -6.77
C TYR A 53 4.85 0.00 -5.77
N LYS A 54 3.75 -0.76 -5.68
CA LYS A 54 3.72 -1.85 -4.72
C LYS A 54 4.69 -2.94 -5.14
N ASN A 55 4.81 -3.18 -6.44
CA ASN A 55 5.80 -4.11 -6.96
C ASN A 55 7.22 -3.62 -6.75
N VAL A 56 7.49 -2.34 -7.01
CA VAL A 56 8.85 -1.82 -6.82
C VAL A 56 9.23 -1.94 -5.35
N VAL A 57 8.40 -1.39 -4.48
N VAL A 57 8.43 -1.36 -4.46
CA VAL A 57 8.75 -1.42 -3.06
CA VAL A 57 8.75 -1.43 -3.05
C VAL A 57 8.68 -2.83 -2.50
C VAL A 57 8.74 -2.87 -2.55
N GLY A 58 7.85 -3.70 -3.09
CA GLY A 58 7.79 -5.09 -2.63
C GLY A 58 9.10 -5.82 -2.86
N GLY A 59 9.72 -5.59 -4.02
CA GLY A 59 11.04 -6.16 -4.26
C GLY A 59 12.08 -5.61 -3.31
N GLN A 60 12.03 -4.30 -3.05
CA GLN A 60 12.99 -3.71 -2.11
C GLN A 60 12.81 -4.27 -0.71
N ARG A 61 11.56 -4.39 -0.25
CA ARG A 61 11.31 -4.95 1.08
C ARG A 61 11.82 -6.37 1.19
N ALA A 62 11.59 -7.20 0.17
CA ALA A 62 12.09 -8.57 0.23
C ALA A 62 13.61 -8.59 0.31
N ALA A 63 14.28 -7.73 -0.45
CA ALA A 63 15.74 -7.68 -0.41
C ALA A 63 16.24 -7.16 0.93
N TRP A 64 15.60 -6.11 1.46
CA TRP A 64 15.97 -5.58 2.77
C TRP A 64 15.84 -6.65 3.84
N ARG A 65 14.80 -7.49 3.75
CA ARG A 65 14.63 -8.52 4.78
C ARG A 65 15.73 -9.57 4.70
N VAL A 66 16.10 -9.97 3.48
CA VAL A 66 17.20 -10.92 3.31
C VAL A 66 18.48 -10.35 3.92
N LEU A 67 18.82 -9.10 3.56
CA LEU A 67 20.06 -8.50 4.04
C LEU A 67 20.02 -8.26 5.54
N SER A 68 18.88 -7.82 6.06
N SER A 68 18.88 -7.81 6.07
CA SER A 68 18.77 -7.60 7.51
CA SER A 68 18.78 -7.61 7.51
C SER A 68 18.96 -8.90 8.27
C SER A 68 18.97 -8.91 8.26
N SER A 69 18.45 -10.01 7.72
CA SER A 69 18.61 -11.30 8.37
C SER A 69 20.08 -11.72 8.40
N ILE A 70 20.79 -11.56 7.27
CA ILE A 70 22.21 -11.86 7.23
C ILE A 70 22.97 -10.96 8.20
N GLU A 71 22.60 -9.67 8.26
CA GLU A 71 23.31 -8.73 9.12
C GLU A 71 23.13 -9.09 10.59
N GLN A 72 21.93 -9.51 10.98
CA GLN A 72 21.70 -9.93 12.35
C GLN A 72 22.41 -11.24 12.67
N LYS A 73 22.45 -12.16 11.71
CA LYS A 73 23.19 -13.41 11.92
C LYS A 73 24.69 -13.17 12.04
N SER A 74 25.20 -12.05 11.55
CA SER A 74 26.61 -11.72 11.67
C SER A 74 26.94 -10.97 12.96
N ASN A 75 25.94 -10.47 13.68
CA ASN A 75 26.17 -9.77 14.93
C ASN A 75 25.82 -10.64 16.13
N GLY A 83 33.08 -7.98 8.40
CA GLY A 83 33.35 -6.68 7.81
C GLY A 83 32.13 -5.79 7.70
N PRO A 84 32.30 -4.59 7.17
CA PRO A 84 31.17 -3.65 7.06
C PRO A 84 30.26 -3.90 5.87
N GLU A 85 30.56 -4.88 5.01
CA GLU A 85 29.90 -4.96 3.71
C GLU A 85 28.41 -5.24 3.85
N VAL A 86 28.00 -6.12 4.76
CA VAL A 86 26.58 -6.45 4.85
C VAL A 86 25.78 -5.25 5.33
N ARG A 87 26.27 -4.58 6.36
CA ARG A 87 25.61 -3.36 6.82
C ARG A 87 25.60 -2.30 5.72
N GLU A 88 26.73 -2.11 5.02
CA GLU A 88 26.77 -1.11 3.97
C GLU A 88 25.72 -1.39 2.90
N TYR A 89 25.60 -2.66 2.50
CA TYR A 89 24.67 -2.99 1.42
C TYR A 89 23.22 -2.94 1.89
N ARG A 90 22.95 -3.43 3.12
CA ARG A 90 21.61 -3.25 3.69
C ARG A 90 21.23 -1.78 3.74
N GLU A 91 22.16 -0.91 4.16
CA GLU A 91 21.90 0.52 4.20
C GLU A 91 21.61 1.09 2.82
N LYS A 92 22.32 0.60 1.79
N LYS A 92 22.32 0.60 1.79
CA LYS A 92 22.09 1.08 0.43
CA LYS A 92 22.09 1.08 0.43
C LYS A 92 20.67 0.73 -0.02
C LYS A 92 20.68 0.73 -0.02
N VAL A 93 20.28 -0.53 0.17
CA VAL A 93 18.92 -0.94 -0.18
C VAL A 93 17.89 -0.18 0.63
N GLU A 94 18.14 0.02 1.92
CA GLU A 94 17.22 0.74 2.77
C GLU A 94 17.02 2.18 2.27
N THR A 95 18.09 2.84 1.84
CA THR A 95 17.97 4.21 1.39
C THR A 95 17.19 4.26 0.08
N GLU A 96 17.38 3.26 -0.79
N GLU A 96 17.41 3.28 -0.80
CA GLU A 96 16.63 3.21 -2.04
CA GLU A 96 16.64 3.21 -2.03
C GLU A 96 15.15 2.96 -1.79
C GLU A 96 15.15 3.02 -1.74
N LEU A 97 14.84 2.09 -0.82
CA LEU A 97 13.45 1.87 -0.41
C LEU A 97 12.84 3.14 0.16
N GLN A 98 13.55 3.82 1.05
CA GLN A 98 13.03 5.07 1.60
C GLN A 98 12.81 6.09 0.50
N GLY A 99 13.68 6.11 -0.50
CA GLY A 99 13.50 7.06 -1.59
C GLY A 99 12.24 6.79 -2.39
N VAL A 100 11.94 5.52 -2.65
CA VAL A 100 10.70 5.20 -3.37
C VAL A 100 9.49 5.57 -2.52
N CYS A 101 9.50 5.22 -1.24
CA CYS A 101 8.38 5.60 -0.38
C CYS A 101 8.18 7.09 -0.35
N ASP A 102 9.27 7.87 -0.22
CA ASP A 102 9.18 9.32 -0.24
C ASP A 102 8.61 9.82 -1.56
N THR A 103 8.98 9.19 -2.67
CA THR A 103 8.45 9.63 -3.96
C THR A 103 6.93 9.44 -4.00
N VAL A 104 6.45 8.26 -3.60
CA VAL A 104 5.01 8.01 -3.59
C VAL A 104 4.31 8.98 -2.66
N LEU A 105 4.83 9.15 -1.45
CA LEU A 105 4.21 10.09 -0.53
C LEU A 105 4.20 11.50 -1.09
N GLY A 106 5.25 11.86 -1.83
CA GLY A 106 5.28 13.17 -2.46
C GLY A 106 4.19 13.33 -3.51
N LEU A 107 3.93 12.28 -4.30
CA LEU A 107 2.86 12.37 -5.28
C LEU A 107 1.51 12.50 -4.60
N LEU A 108 1.32 11.77 -3.50
CA LEU A 108 0.06 11.87 -2.77
C LEU A 108 -0.13 13.27 -2.21
N ASP A 109 0.96 13.90 -1.75
CA ASP A 109 0.87 15.22 -1.15
C ASP A 109 0.88 16.34 -2.20
N SER A 110 1.33 16.06 -3.42
CA SER A 110 1.42 17.07 -4.48
C SER A 110 0.98 16.47 -5.82
N HIS A 111 -0.34 16.41 -6.07
CA HIS A 111 -1.40 16.96 -5.21
C HIS A 111 -2.60 16.03 -5.21
N LEU A 112 -2.35 14.72 -5.19
CA LEU A 112 -3.44 13.76 -5.40
C LEU A 112 -4.49 13.82 -4.29
N ILE A 113 -4.06 13.83 -3.03
CA ILE A 113 -5.04 13.76 -1.95
C ILE A 113 -5.90 15.02 -1.91
N LYS A 114 -5.26 16.19 -2.02
CA LYS A 114 -6.02 17.42 -1.85
C LYS A 114 -7.05 17.63 -2.94
N GLU A 115 -6.89 17.03 -4.10
CA GLU A 115 -7.90 17.12 -5.13
C GLU A 115 -8.88 15.96 -5.12
N ALA A 116 -8.74 14.99 -4.21
CA ALA A 116 -9.59 13.81 -4.21
C ALA A 116 -10.80 14.05 -3.31
N GLY A 117 -11.96 14.23 -3.93
CA GLY A 117 -13.19 14.54 -3.21
C GLY A 117 -14.17 13.39 -3.09
N ASP A 118 -14.18 12.49 -4.06
CA ASP A 118 -15.05 11.34 -3.94
C ASP A 118 -14.47 10.34 -2.96
N ALA A 119 -15.34 9.64 -2.26
CA ALA A 119 -14.87 8.67 -1.27
C ALA A 119 -13.93 7.63 -1.89
N GLU A 120 -14.24 7.12 -3.08
CA GLU A 120 -13.42 6.05 -3.62
C GLU A 120 -12.00 6.51 -3.91
N SER A 121 -11.84 7.74 -4.40
CA SER A 121 -10.48 8.21 -4.64
C SER A 121 -9.79 8.60 -3.34
N ARG A 122 -10.48 9.33 -2.48
CA ARG A 122 -9.83 9.81 -1.27
C ARG A 122 -9.44 8.67 -0.34
N VAL A 123 -10.34 7.69 -0.15
CA VAL A 123 -10.00 6.51 0.66
C VAL A 123 -8.82 5.77 0.06
N PHE A 124 -8.82 5.59 -1.28
CA PHE A 124 -7.73 4.89 -1.94
C PHE A 124 -6.39 5.57 -1.67
N TYR A 125 -6.32 6.89 -1.83
CA TYR A 125 -5.05 7.58 -1.66
C TYR A 125 -4.62 7.59 -0.21
N LEU A 126 -5.56 7.70 0.72
CA LEU A 126 -5.19 7.71 2.13
C LEU A 126 -4.72 6.33 2.57
N LYS A 127 -5.33 5.28 2.04
CA LYS A 127 -4.80 3.93 2.26
C LYS A 127 -3.39 3.80 1.75
N MET A 128 -3.12 4.31 0.54
CA MET A 128 -1.75 4.31 0.03
C MET A 128 -0.81 5.06 0.97
N LYS A 129 -1.23 6.23 1.47
CA LYS A 129 -0.39 7.00 2.38
C LYS A 129 -0.08 6.19 3.64
N GLY A 130 -1.09 5.51 4.20
CA GLY A 130 -0.83 4.63 5.33
C GLY A 130 0.16 3.53 5.00
N ASP A 131 -0.02 2.90 3.83
CA ASP A 131 0.85 1.80 3.42
C ASP A 131 2.31 2.25 3.30
N TYR A 132 2.56 3.40 2.65
CA TYR A 132 3.95 3.80 2.42
C TYR A 132 4.62 4.30 3.70
N TYR A 133 3.87 4.93 4.62
CA TYR A 133 4.43 5.18 5.94
C TYR A 133 4.66 3.88 6.68
N ARG A 134 3.81 2.88 6.49
CA ARG A 134 4.03 1.58 7.10
C ARG A 134 5.34 0.94 6.61
N TYR A 135 5.60 1.02 5.30
CA TYR A 135 6.86 0.50 4.77
C TYR A 135 8.04 1.29 5.33
N LEU A 136 7.91 2.61 5.46
CA LEU A 136 8.96 3.37 6.15
C LEU A 136 9.14 2.89 7.58
N ALA A 137 8.05 2.58 8.28
CA ALA A 137 8.18 2.17 9.69
C ALA A 137 8.86 0.82 9.82
N GLU A 138 8.73 -0.04 8.81
CA GLU A 138 9.35 -1.37 8.87
C GLU A 138 10.86 -1.29 8.98
N VAL A 139 11.47 -0.21 8.47
CA VAL A 139 12.92 -0.05 8.49
C VAL A 139 13.39 1.04 9.43
N ALA A 140 12.47 1.73 10.10
CA ALA A 140 12.84 2.86 10.95
C ALA A 140 13.29 2.35 12.31
N THR A 141 14.16 3.13 12.95
CA THR A 141 14.70 2.78 14.26
C THR A 141 14.63 3.97 15.20
N GLY A 142 13.95 3.80 16.32
CA GLY A 142 13.98 4.77 17.41
C GLY A 142 12.76 5.66 17.54
N ASP A 143 12.99 6.94 17.85
CA ASP A 143 11.89 7.90 17.93
C ASP A 143 11.46 8.37 16.55
N ASP A 144 12.36 8.34 15.57
CA ASP A 144 11.94 8.48 14.18
C ASP A 144 10.81 7.52 13.86
N LYS A 145 10.96 6.27 14.32
CA LYS A 145 9.90 5.28 14.16
C LYS A 145 8.58 5.79 14.72
N LYS A 146 8.62 6.47 15.87
CA LYS A 146 7.37 6.88 16.51
C LYS A 146 6.56 7.83 15.64
N ARG A 147 7.20 8.86 15.08
CA ARG A 147 6.44 9.81 14.29
C ARG A 147 6.00 9.18 12.97
N ILE A 148 6.83 8.31 12.40
CA ILE A 148 6.47 7.60 11.16
C ILE A 148 5.25 6.72 11.41
N ILE A 149 5.26 5.98 12.53
CA ILE A 149 4.13 5.14 12.91
C ILE A 149 2.86 5.96 13.08
N ASP A 150 2.97 7.12 13.76
CA ASP A 150 1.78 7.96 13.92
C ASP A 150 1.26 8.47 12.58
N SER A 151 2.16 8.77 11.64
CA SER A 151 1.73 9.22 10.33
C SER A 151 0.97 8.13 9.60
N ALA A 152 1.44 6.88 9.69
CA ALA A 152 0.69 5.78 9.09
C ALA A 152 -0.68 5.64 9.75
N ARG A 153 -0.70 5.62 11.08
N ARG A 153 -0.70 5.62 11.08
CA ARG A 153 -1.96 5.45 11.81
CA ARG A 153 -1.96 5.44 11.79
C ARG A 153 -2.96 6.53 11.43
C ARG A 153 -2.96 6.54 11.45
N SER A 154 -2.50 7.79 11.37
CA SER A 154 -3.39 8.90 11.09
C SER A 154 -3.98 8.80 9.68
N ALA A 155 -3.16 8.43 8.69
CA ALA A 155 -3.69 8.25 7.33
C ALA A 155 -4.71 7.13 7.28
N TYR A 156 -4.38 5.98 7.87
CA TYR A 156 -5.32 4.87 7.88
C TYR A 156 -6.61 5.25 8.60
N GLN A 157 -6.50 5.98 9.70
CA GLN A 157 -7.69 6.33 10.48
C GLN A 157 -8.61 7.25 9.69
N GLU A 158 -8.06 8.25 9.00
CA GLU A 158 -8.93 9.11 8.20
C GLU A 158 -9.59 8.32 7.10
N ALA A 159 -8.85 7.42 6.45
CA ALA A 159 -9.45 6.58 5.42
C ALA A 159 -10.56 5.72 6.02
N MET A 160 -10.34 5.18 7.23
CA MET A 160 -11.37 4.34 7.86
C MET A 160 -12.61 5.15 8.15
N ASP A 161 -12.43 6.36 8.68
CA ASP A 161 -13.59 7.18 9.01
C ASP A 161 -14.43 7.48 7.77
N ILE A 162 -13.78 7.81 6.66
CA ILE A 162 -14.53 8.07 5.43
C ILE A 162 -15.22 6.80 4.95
N SER A 163 -14.50 5.67 4.97
CA SER A 163 -15.04 4.45 4.39
C SER A 163 -16.26 3.95 5.15
N LYS A 164 -16.26 4.12 6.48
CA LYS A 164 -17.41 3.67 7.26
C LYS A 164 -18.63 4.55 7.01
N LYS A 165 -18.43 5.82 6.70
CA LYS A 165 -19.54 6.72 6.42
C LYS A 165 -20.06 6.59 4.99
N GLU A 166 -19.18 6.28 4.02
CA GLU A 166 -19.48 6.47 2.60
C GLU A 166 -19.51 5.22 1.75
N MET A 167 -19.06 4.07 2.25
CA MET A 167 -19.03 2.86 1.44
C MET A 167 -19.71 1.72 2.16
N PRO A 168 -20.33 0.81 1.41
CA PRO A 168 -20.92 -0.39 2.05
C PRO A 168 -19.82 -1.29 2.60
N PRO A 169 -20.16 -2.14 3.58
CA PRO A 169 -19.12 -2.96 4.23
C PRO A 169 -18.47 -3.98 3.32
N THR A 170 -19.02 -4.26 2.14
CA THR A 170 -18.40 -5.18 1.21
C THR A 170 -17.53 -4.49 0.17
N ASN A 171 -17.45 -3.16 0.19
CA ASN A 171 -16.69 -2.45 -0.84
C ASN A 171 -15.22 -2.91 -0.82
N PRO A 172 -14.66 -3.35 -1.96
CA PRO A 172 -13.29 -3.88 -1.92
C PRO A 172 -12.24 -2.91 -1.39
N ILE A 173 -12.35 -1.61 -1.67
CA ILE A 173 -11.41 -0.66 -1.10
C ILE A 173 -11.55 -0.61 0.41
N ARG A 174 -12.78 -0.53 0.90
CA ARG A 174 -13.00 -0.54 2.34
C ARG A 174 -12.43 -1.80 2.97
N LEU A 175 -12.63 -2.95 2.35
CA LEU A 175 -12.13 -4.22 2.88
C LEU A 175 -10.60 -4.25 2.88
N GLY A 176 -9.99 -3.83 1.77
CA GLY A 176 -8.53 -3.85 1.71
C GLY A 176 -7.89 -2.86 2.65
N LEU A 177 -8.53 -1.70 2.85
CA LEU A 177 -8.05 -0.75 3.85
C LEU A 177 -8.08 -1.37 5.25
N ALA A 178 -9.19 -2.00 5.60
CA ALA A 178 -9.28 -2.64 6.91
C ALA A 178 -8.26 -3.77 7.06
N LEU A 179 -8.08 -4.58 6.01
CA LEU A 179 -7.06 -5.62 6.05
C LEU A 179 -5.69 -5.02 6.35
N ASN A 180 -5.31 -3.98 5.59
CA ASN A 180 -3.97 -3.42 5.76
C ASN A 180 -3.81 -2.69 7.08
N PHE A 181 -4.86 -2.00 7.56
CA PHE A 181 -4.79 -1.35 8.86
C PHE A 181 -4.67 -2.40 9.97
N SER A 182 -5.35 -3.54 9.81
N SER A 182 -5.34 -3.53 9.81
CA SER A 182 -5.18 -4.62 10.79
CA SER A 182 -5.21 -4.62 10.76
C SER A 182 -3.75 -5.14 10.81
C SER A 182 -3.78 -5.15 10.79
N VAL A 183 -3.13 -5.24 9.63
CA VAL A 183 -1.72 -5.66 9.58
C VAL A 183 -0.82 -4.62 10.24
N PHE A 184 -1.10 -3.34 10.00
CA PHE A 184 -0.40 -2.26 10.72
C PHE A 184 -0.50 -2.47 12.23
N HIS A 185 -1.72 -2.73 12.73
CA HIS A 185 -1.86 -2.93 14.18
C HIS A 185 -1.03 -4.10 14.66
N TYR A 186 -1.05 -5.20 13.91
CA TYR A 186 -0.40 -6.43 14.33
C TYR A 186 1.12 -6.32 14.24
N GLU A 187 1.61 -5.82 13.11
CA GLU A 187 3.03 -5.91 12.79
C GLU A 187 3.82 -4.68 13.19
N ILE A 188 3.20 -3.51 13.23
CA ILE A 188 3.89 -2.25 13.45
C ILE A 188 3.58 -1.68 14.84
N ALA A 189 2.30 -1.60 15.19
CA ALA A 189 1.88 -0.92 16.41
C ALA A 189 1.89 -1.82 17.64
N ASN A 190 2.24 -3.10 17.50
CA ASN A 190 2.24 -4.04 18.62
C ASN A 190 0.89 -4.07 19.32
N SER A 191 -0.18 -4.06 18.51
CA SER A 191 -1.56 -4.12 19.00
C SER A 191 -2.26 -5.32 18.39
N PRO A 192 -1.84 -6.54 18.71
CA PRO A 192 -2.49 -7.72 18.10
C PRO A 192 -3.97 -7.83 18.41
N GLU A 193 -4.41 -7.41 19.60
CA GLU A 193 -5.84 -7.52 19.89
C GLU A 193 -6.66 -6.57 19.04
N GLU A 194 -6.15 -5.36 18.79
CA GLU A 194 -6.83 -4.43 17.89
C GLU A 194 -6.86 -4.98 16.48
N ALA A 195 -5.77 -5.60 16.05
CA ALA A 195 -5.72 -6.20 14.72
C ALA A 195 -6.79 -7.26 14.56
N ILE A 196 -6.92 -8.14 15.55
CA ILE A 196 -7.89 -9.23 15.50
C ILE A 196 -9.31 -8.67 15.52
N SER A 197 -9.57 -7.72 16.41
CA SER A 197 -10.91 -7.16 16.52
C SER A 197 -11.32 -6.48 15.22
N LEU A 198 -10.41 -5.72 14.61
CA LEU A 198 -10.72 -5.05 13.36
C LEU A 198 -10.98 -6.06 12.25
N ALA A 199 -10.14 -7.08 12.15
CA ALA A 199 -10.36 -8.09 11.11
C ALA A 199 -11.68 -8.83 11.30
N LYS A 200 -12.01 -9.20 12.55
CA LYS A 200 -13.24 -9.93 12.83
C LYS A 200 -14.46 -9.07 12.51
N THR A 201 -14.48 -7.85 13.01
CA THR A 201 -15.63 -6.97 12.77
C THR A 201 -15.80 -6.68 11.27
N THR A 202 -14.69 -6.45 10.58
CA THR A 202 -14.77 -6.22 9.14
C THR A 202 -15.35 -7.42 8.43
N PHE A 203 -14.86 -8.62 8.76
CA PHE A 203 -15.35 -9.82 8.11
C PHE A 203 -16.83 -10.02 8.37
N ASP A 204 -17.26 -9.85 9.62
CA ASP A 204 -18.64 -10.11 9.99
C ASP A 204 -19.58 -9.12 9.33
N GLU A 205 -19.20 -7.84 9.28
CA GLU A 205 -20.08 -6.88 8.64
C GLU A 205 -20.14 -7.08 7.12
N ALA A 206 -19.06 -7.53 6.52
CA ALA A 206 -19.10 -7.84 5.09
C ALA A 206 -20.00 -9.06 4.84
N MET A 207 -19.86 -10.11 5.64
CA MET A 207 -20.69 -11.29 5.46
C MET A 207 -22.17 -10.94 5.42
N ALA A 208 -22.60 -10.08 6.34
CA ALA A 208 -23.99 -9.70 6.47
C ALA A 208 -24.49 -8.86 5.31
N ASP A 209 -23.59 -8.33 4.48
CA ASP A 209 -23.95 -7.49 3.34
C ASP A 209 -23.79 -8.21 2.00
N LEU A 210 -23.29 -9.46 1.99
CA LEU A 210 -23.07 -10.17 0.73
C LEU A 210 -24.36 -10.41 -0.05
N HIS A 211 -25.50 -10.50 0.64
CA HIS A 211 -26.75 -10.80 -0.05
C HIS A 211 -27.15 -9.70 -1.03
N THR A 212 -26.58 -8.50 -0.91
CA THR A 212 -26.92 -7.38 -1.78
C THR A 212 -26.16 -7.39 -3.11
N LEU A 213 -25.17 -8.26 -3.26
CA LEU A 213 -24.19 -8.16 -4.33
C LEU A 213 -24.55 -9.05 -5.51
N SER A 214 -24.13 -8.59 -6.69
CA SER A 214 -24.11 -9.41 -7.88
C SER A 214 -23.06 -10.51 -7.75
N GLU A 215 -23.11 -11.45 -8.70
CA GLU A 215 -22.15 -12.55 -8.72
C GLU A 215 -20.71 -12.03 -8.82
N ASP A 216 -20.45 -11.05 -9.70
CA ASP A 216 -19.09 -10.56 -9.87
C ASP A 216 -18.60 -9.81 -8.63
N SER A 217 -19.45 -8.95 -8.05
CA SER A 217 -19.06 -8.25 -6.83
C SER A 217 -18.88 -9.22 -5.67
N TYR A 218 -19.73 -10.25 -5.60
CA TYR A 218 -19.61 -11.29 -4.57
C TYR A 218 -18.25 -11.96 -4.65
N LYS A 219 -17.78 -12.26 -5.86
CA LYS A 219 -16.47 -12.87 -6.01
C LYS A 219 -15.36 -11.96 -5.47
N ASP A 220 -15.44 -10.66 -5.81
CA ASP A 220 -14.41 -9.72 -5.35
C ASP A 220 -14.41 -9.63 -3.83
N SER A 221 -15.58 -9.41 -3.23
CA SER A 221 -15.65 -9.21 -1.79
C SER A 221 -15.25 -10.46 -1.02
N THR A 222 -15.72 -11.63 -1.47
CA THR A 222 -15.40 -12.85 -0.73
C THR A 222 -13.92 -13.18 -0.84
N LEU A 223 -13.26 -12.83 -1.95
CA LEU A 223 -11.83 -13.07 -2.06
C LEU A 223 -11.07 -12.31 -0.97
N ILE A 224 -11.36 -11.03 -0.80
CA ILE A 224 -10.65 -10.24 0.22
C ILE A 224 -11.06 -10.68 1.62
N MET A 225 -12.31 -11.07 1.78
CA MET A 225 -12.79 -11.57 3.06
C MET A 225 -11.97 -12.79 3.48
N GLN A 226 -11.61 -13.63 2.49
CA GLN A 226 -10.79 -14.80 2.80
C GLN A 226 -9.39 -14.39 3.28
N LEU A 227 -8.84 -13.31 2.73
CA LEU A 227 -7.58 -12.77 3.25
C LEU A 227 -7.70 -12.36 4.71
N LEU A 228 -8.82 -11.71 5.08
CA LEU A 228 -9.06 -11.41 6.48
C LEU A 228 -9.09 -12.68 7.32
N ARG A 229 -9.82 -13.70 6.84
CA ARG A 229 -9.88 -14.98 7.54
C ARG A 229 -8.49 -15.61 7.67
N ASP A 230 -7.69 -15.56 6.60
CA ASP A 230 -6.35 -16.16 6.66
C ASP A 230 -5.52 -15.52 7.75
N ASN A 231 -5.61 -14.20 7.91
CA ASN A 231 -4.87 -13.55 8.98
C ASN A 231 -5.40 -13.95 10.34
N LEU A 232 -6.72 -13.98 10.49
CA LEU A 232 -7.30 -14.39 11.76
C LEU A 232 -6.88 -15.81 12.13
N THR A 233 -6.81 -16.71 11.14
CA THR A 233 -6.34 -18.06 11.40
C THR A 233 -4.91 -18.07 11.93
N LEU A 234 -4.07 -17.21 11.37
CA LEU A 234 -2.68 -17.16 11.80
C LEU A 234 -2.53 -16.51 13.17
N TRP A 235 -3.43 -15.59 13.52
CA TRP A 235 -3.30 -14.77 14.71
C TRP A 235 -3.99 -15.37 15.93
N THR A 236 -4.87 -16.35 15.74
CA THR A 236 -5.63 -16.92 16.84
C THR A 236 -5.48 -18.43 16.86
N ALA B 5 1.48 -12.81 8.30
CA ALA B 5 0.35 -11.89 8.19
C ALA B 5 0.39 -11.17 6.85
N GLY B 6 -0.65 -11.36 6.05
CA GLY B 6 -0.67 -10.82 4.71
C GLY B 6 -1.49 -9.56 4.48
N ILE B 8 -2.87 -6.68 1.50
CA ILE B 8 -3.46 -6.83 0.17
C ILE B 8 -2.35 -7.14 -0.84
N PRO B 9 -2.53 -8.22 -1.61
CA PRO B 9 -1.62 -8.47 -2.73
C PRO B 9 -2.04 -7.66 -3.92
N GLY B 10 -1.58 -6.41 -3.99
CA GLY B 10 -1.93 -5.54 -5.08
C GLY B 10 -0.79 -5.41 -6.07
N ARG B 11 -0.32 -6.54 -6.59
CA ARG B 11 0.78 -6.56 -7.54
C ARG B 11 0.32 -6.85 -8.96
N ARG B 12 -0.98 -6.99 -9.20
CA ARG B 12 -1.51 -7.34 -10.51
C ARG B 12 -2.69 -6.45 -10.87
N SER B 13 -2.77 -6.06 -12.14
CA SER B 13 -3.83 -5.24 -12.71
C SER B 13 -3.75 -3.77 -12.35
#